data_6J64
#
_entry.id   6J64
#
_cell.length_a   78.823
_cell.length_b   46.414
_cell.length_c   64.132
_cell.angle_alpha   90.000
_cell.angle_beta   94.230
_cell.angle_gamma   90.000
#
_symmetry.space_group_name_H-M   'C 1 2 1'
#
loop_
_entity.id
_entity.type
_entity.pdbx_description
1 polymer 'Histidine triad nucleotide-binding protein 1'
2 non-polymer '2-AMINOETHANESULFONIC ACID'
3 non-polymer "BIS(ADENOSINE)-5'-TETRAPHOSPHATE"
4 water water
#
_entity_poly.entity_id   1
_entity_poly.type   'polypeptide(L)'
_entity_poly.pdbx_seq_one_letter_code
;SLMADEIAKAQVARPGGDTIFGKIIRKEIPAKIIFEDDRCLAFHDISPQAPTHFLVIPKKHISQISVAEDDDESLLGHLM
IVGKKCAADLGLNKGYRMVVNEGSDGGQSVYHVHLAVLGGRQMHWPPG
;
_entity_poly.pdbx_strand_id   A,B
#
loop_
_chem_comp.id
_chem_comp.type
_chem_comp.name
_chem_comp.formula
B4P non-polymer BIS(ADENOSINE)-5'-TETRAPHOSPHATE 'C20 H28 N10 O19 P4'
TAU non-polymer '2-AMINOETHANESULFONIC ACID' 'C2 H7 N O3 S'
#
# COMPACT_ATOMS: atom_id res chain seq x y z
N GLY A 16 9.88 3.02 -21.47
CA GLY A 16 9.63 2.63 -20.09
C GLY A 16 10.44 3.28 -18.97
N GLY A 17 11.14 4.32 -19.26
CA GLY A 17 11.86 5.02 -18.24
C GLY A 17 13.30 4.75 -18.13
N ASP A 18 13.87 5.82 -17.62
CA ASP A 18 15.31 5.86 -17.42
C ASP A 18 15.68 5.70 -15.98
N THR A 19 15.21 4.66 -15.37
CA THR A 19 15.69 4.23 -14.08
C THR A 19 16.17 2.78 -14.20
N ILE A 20 16.80 2.30 -13.12
CA ILE A 20 17.27 0.92 -13.11
C ILE A 20 16.11 -0.06 -13.21
N PHE A 21 14.92 0.33 -12.73
CA PHE A 21 13.75 -0.54 -12.87
C PHE A 21 13.29 -0.61 -14.33
N GLY A 22 13.43 0.47 -15.08
CA GLY A 22 13.17 0.40 -16.51
C GLY A 22 14.11 -0.55 -17.22
N LYS A 23 15.37 -0.57 -16.81
CA LYS A 23 16.33 -1.50 -17.38
C LYS A 23 15.96 -2.93 -17.06
N ILE A 24 15.48 -3.16 -15.85
CA ILE A 24 15.06 -4.50 -15.46
C ILE A 24 13.86 -4.96 -16.29
N ILE A 25 12.89 -4.07 -16.49
CA ILE A 25 11.72 -4.40 -17.31
C ILE A 25 12.14 -4.75 -18.73
N ARG A 26 13.09 -4.02 -19.28
CA ARG A 26 13.56 -4.24 -20.64
C ARG A 26 14.52 -5.43 -20.75
N LYS A 27 14.81 -6.09 -19.62
CA LYS A 27 15.70 -7.25 -19.55
C LYS A 27 17.16 -6.90 -19.86
N GLU A 28 17.51 -5.60 -19.74
CA GLU A 28 18.87 -5.17 -20.01
C GLU A 28 19.84 -5.55 -18.90
N ILE A 29 19.36 -5.58 -17.66
CA ILE A 29 20.16 -6.06 -16.54
C ILE A 29 19.36 -7.11 -15.79
N PRO A 30 20.01 -8.09 -15.14
CA PRO A 30 19.26 -9.20 -14.56
C PRO A 30 18.60 -8.86 -13.23
N ALA A 31 17.54 -9.61 -12.94
CA ALA A 31 16.89 -9.63 -11.65
C ALA A 31 16.21 -10.99 -11.51
N LYS A 32 16.03 -11.42 -10.26
CA LYS A 32 15.36 -12.68 -9.98
C LYS A 32 13.85 -12.48 -10.13
N ILE A 33 13.34 -12.76 -11.33
CA ILE A 33 11.94 -12.51 -11.65
C ILE A 33 11.05 -13.57 -11.03
N ILE A 34 9.99 -13.13 -10.37
CA ILE A 34 9.01 -14.02 -9.76
C ILE A 34 7.79 -14.21 -10.65
N PHE A 35 7.30 -13.11 -11.23
CA PHE A 35 6.08 -13.13 -12.03
C PHE A 35 6.15 -12.00 -13.04
N GLU A 36 5.53 -12.20 -14.19
CA GLU A 36 5.42 -11.16 -15.20
C GLU A 36 4.10 -11.33 -15.94
N ASP A 37 3.51 -10.21 -16.34
CA ASP A 37 2.41 -10.23 -17.30
C ASP A 37 2.62 -9.10 -18.29
N ASP A 38 1.55 -8.68 -18.95
CA ASP A 38 1.66 -7.64 -19.97
C ASP A 38 1.80 -6.24 -19.38
N ARG A 39 1.60 -6.07 -18.07
CA ARG A 39 1.54 -4.73 -17.49
C ARG A 39 2.32 -4.57 -16.19
N CYS A 40 2.95 -5.62 -15.67
CA CYS A 40 3.72 -5.48 -14.45
C CYS A 40 4.77 -6.57 -14.38
N LEU A 41 5.68 -6.41 -13.42
CA LEU A 41 6.79 -7.32 -13.20
C LEU A 41 7.05 -7.42 -11.71
N ALA A 42 7.25 -8.64 -11.21
CA ALA A 42 7.58 -8.88 -9.81
C ALA A 42 8.94 -9.56 -9.73
N PHE A 43 9.80 -9.06 -8.85
CA PHE A 43 11.15 -9.59 -8.73
C PHE A 43 11.70 -9.36 -7.33
N HIS A 44 12.64 -10.20 -6.94
CA HIS A 44 13.24 -10.09 -5.62
C HIS A 44 14.10 -8.83 -5.51
N ASP A 45 14.02 -8.16 -4.38
CA ASP A 45 14.80 -6.94 -4.17
C ASP A 45 16.27 -7.30 -4.00
N ILE A 46 17.14 -6.48 -4.56
CA ILE A 46 18.56 -6.74 -4.47
C ILE A 46 19.10 -6.47 -3.06
N SER A 47 18.38 -5.69 -2.26
CA SER A 47 18.77 -5.38 -0.88
C SER A 47 17.66 -5.83 0.05
N PRO A 48 17.50 -7.14 0.25
CA PRO A 48 16.35 -7.62 1.03
C PRO A 48 16.46 -7.26 2.49
N GLN A 49 15.33 -6.80 3.05
CA GLN A 49 15.22 -6.43 4.45
C GLN A 49 14.46 -7.46 5.26
N ALA A 50 14.11 -8.59 4.66
CA ALA A 50 13.39 -9.67 5.31
C ALA A 50 13.73 -10.95 4.57
N PRO A 51 13.49 -12.12 5.17
CA PRO A 51 13.78 -13.38 4.44
C PRO A 51 13.13 -13.44 3.07
N THR A 52 11.95 -12.86 2.91
CA THR A 52 11.33 -12.66 1.60
C THR A 52 11.08 -11.17 1.44
N HIS A 53 11.61 -10.59 0.36
CA HIS A 53 11.45 -9.18 0.08
C HIS A 53 11.48 -9.01 -1.43
N PHE A 54 10.32 -8.71 -2.02
CA PHE A 54 10.22 -8.54 -3.46
C PHE A 54 9.46 -7.26 -3.77
N LEU A 55 9.50 -6.89 -5.05
CA LEU A 55 8.85 -5.70 -5.55
C LEU A 55 7.90 -6.08 -6.67
N VAL A 56 6.79 -5.35 -6.78
CA VAL A 56 5.89 -5.43 -7.93
C VAL A 56 5.85 -4.03 -8.53
N ILE A 57 6.20 -3.93 -9.80
CA ILE A 57 6.27 -2.63 -10.46
C ILE A 57 5.43 -2.63 -11.74
N PRO A 58 4.80 -1.51 -12.09
CA PRO A 58 4.14 -1.43 -13.38
C PRO A 58 5.15 -1.26 -14.49
N LYS A 59 4.79 -1.75 -15.68
CA LYS A 59 5.63 -1.51 -16.84
C LYS A 59 5.51 -0.07 -17.33
N LYS A 60 4.34 0.54 -17.16
CA LYS A 60 4.20 1.97 -17.41
C LYS A 60 5.05 2.74 -16.40
N HIS A 61 5.82 3.71 -16.89
N HIS A 61 5.79 3.73 -16.88
CA HIS A 61 6.71 4.46 -15.99
CA HIS A 61 6.69 4.51 -16.04
C HIS A 61 5.92 5.56 -15.29
C HIS A 61 5.89 5.58 -15.31
N ILE A 62 5.38 5.22 -14.14
CA ILE A 62 4.81 6.17 -13.20
C ILE A 62 5.92 6.47 -12.20
N SER A 63 6.37 7.73 -12.15
CA SER A 63 7.58 8.03 -11.39
C SER A 63 7.35 7.93 -9.90
N GLN A 64 6.18 8.36 -9.43
CA GLN A 64 5.86 8.32 -8.02
CA GLN A 64 5.86 8.40 -8.01
C GLN A 64 4.35 8.25 -7.86
N ILE A 65 3.92 7.68 -6.73
CA ILE A 65 2.49 7.49 -6.49
C ILE A 65 1.76 8.82 -6.46
N SER A 66 2.45 9.90 -6.06
CA SER A 66 1.81 11.21 -5.98
C SER A 66 1.35 11.73 -7.35
N VAL A 67 1.94 11.24 -8.44
CA VAL A 67 1.56 11.68 -9.77
C VAL A 67 0.73 10.64 -10.51
N ALA A 68 0.30 9.58 -9.84
CA ALA A 68 -0.53 8.58 -10.49
C ALA A 68 -1.86 9.19 -10.91
N GLU A 69 -2.30 8.86 -12.12
CA GLU A 69 -3.54 9.39 -12.64
C GLU A 69 -4.72 8.51 -12.25
N ASP A 70 -5.92 9.08 -12.36
CA ASP A 70 -7.12 8.33 -12.01
C ASP A 70 -7.31 7.13 -12.92
N ASP A 71 -6.87 7.23 -14.18
CA ASP A 71 -7.01 6.10 -15.11
C ASP A 71 -6.14 4.92 -14.72
N ASP A 72 -5.09 5.12 -13.92
CA ASP A 72 -4.19 4.10 -13.42
CA ASP A 72 -4.26 4.01 -13.50
C ASP A 72 -4.72 3.38 -12.20
N GLU A 73 -5.97 3.64 -11.81
CA GLU A 73 -6.50 3.10 -10.56
CA GLU A 73 -6.49 3.11 -10.55
C GLU A 73 -6.44 1.58 -10.54
N SER A 74 -7.00 0.94 -11.56
CA SER A 74 -7.03 -0.52 -11.57
C SER A 74 -5.64 -1.13 -11.77
N LEU A 75 -4.75 -0.42 -12.45
CA LEU A 75 -3.37 -0.88 -12.57
C LEU A 75 -2.69 -0.94 -11.21
N LEU A 76 -2.89 0.08 -10.39
CA LEU A 76 -2.34 0.06 -9.03
C LEU A 76 -2.90 -1.08 -8.21
N GLY A 77 -4.21 -1.31 -8.31
CA GLY A 77 -4.80 -2.46 -7.64
C GLY A 77 -4.26 -3.77 -8.18
N HIS A 78 -3.94 -3.82 -9.47
CA HIS A 78 -3.35 -5.02 -10.06
C HIS A 78 -2.00 -5.32 -9.42
N LEU A 79 -1.21 -4.29 -9.13
CA LEU A 79 0.06 -4.51 -8.43
C LEU A 79 -0.17 -5.17 -7.08
N MET A 80 -1.23 -4.77 -6.37
CA MET A 80 -1.49 -5.33 -5.05
CA MET A 80 -1.50 -5.33 -5.05
C MET A 80 -2.00 -6.77 -5.16
N ILE A 81 -2.83 -7.06 -6.16
CA ILE A 81 -3.31 -8.43 -6.34
C ILE A 81 -2.15 -9.33 -6.74
N VAL A 82 -1.28 -8.87 -7.64
CA VAL A 82 -0.10 -9.64 -8.00
C VAL A 82 0.80 -9.85 -6.79
N GLY A 83 0.99 -8.80 -5.98
CA GLY A 83 1.78 -8.95 -4.78
C GLY A 83 1.18 -9.98 -3.83
N LYS A 84 -0.15 -9.96 -3.69
CA LYS A 84 -0.83 -10.94 -2.85
CA LYS A 84 -0.84 -10.94 -2.86
C LYS A 84 -0.58 -12.35 -3.36
N LYS A 85 -0.70 -12.57 -4.67
CA LYS A 85 -0.54 -13.90 -5.22
C LYS A 85 0.92 -14.37 -5.13
N CYS A 86 1.87 -13.46 -5.37
CA CYS A 86 3.28 -13.83 -5.25
C CYS A 86 3.63 -14.17 -3.81
N ALA A 87 3.07 -13.44 -2.85
CA ALA A 87 3.34 -13.73 -1.44
C ALA A 87 2.86 -15.12 -1.07
N ALA A 88 1.68 -15.51 -1.56
CA ALA A 88 1.17 -16.85 -1.29
C ALA A 88 2.03 -17.91 -1.96
N ASP A 89 2.46 -17.66 -3.19
CA ASP A 89 3.32 -18.62 -3.90
C ASP A 89 4.67 -18.77 -3.20
N LEU A 90 5.14 -17.74 -2.52
CA LEU A 90 6.40 -17.78 -1.80
C LEU A 90 6.23 -18.26 -0.35
N GLY A 91 5.03 -18.71 0.02
CA GLY A 91 4.82 -19.34 1.31
C GLY A 91 4.70 -18.40 2.48
N LEU A 92 4.28 -17.16 2.26
CA LEU A 92 4.12 -16.18 3.34
C LEU A 92 2.76 -16.36 4.03
N ASN A 93 2.57 -17.53 4.62
CA ASN A 93 1.30 -17.89 5.24
C ASN A 93 1.08 -17.23 6.59
N LYS A 94 2.13 -16.71 7.22
CA LYS A 94 2.00 -16.05 8.51
C LYS A 94 1.82 -14.55 8.39
N GLY A 95 1.87 -14.00 7.18
CA GLY A 95 1.63 -12.60 6.95
C GLY A 95 2.80 -11.92 6.26
N TYR A 96 2.60 -10.64 5.97
CA TYR A 96 3.59 -9.82 5.28
C TYR A 96 3.16 -8.37 5.35
N ARG A 97 4.03 -7.49 4.86
CA ARG A 97 3.76 -6.06 4.82
C ARG A 97 4.03 -5.55 3.42
N MET A 98 3.08 -4.77 2.89
CA MET A 98 3.23 -4.10 1.60
C MET A 98 3.53 -2.63 1.85
N VAL A 99 4.46 -2.08 1.08
CA VAL A 99 4.96 -0.73 1.30
C VAL A 99 5.10 0.00 -0.03
N VAL A 100 4.59 1.23 -0.09
CA VAL A 100 4.87 2.16 -1.19
C VAL A 100 5.51 3.41 -0.58
N ASN A 101 6.72 3.74 -1.05
CA ASN A 101 7.44 4.92 -0.58
C ASN A 101 7.24 6.07 -1.57
N GLU A 102 7.02 7.27 -1.03
CA GLU A 102 6.85 8.47 -1.84
C GLU A 102 7.83 9.54 -1.36
N GLY A 103 8.68 10.01 -2.27
CA GLY A 103 9.49 11.18 -1.99
C GLY A 103 10.59 10.94 -0.96
N SER A 104 11.20 12.05 -0.56
CA SER A 104 12.34 11.98 0.35
CA SER A 104 12.34 12.00 0.35
C SER A 104 11.92 11.52 1.75
N ASP A 105 10.84 12.10 2.28
CA ASP A 105 10.37 11.68 3.60
C ASP A 105 9.94 10.22 3.59
N GLY A 106 9.39 9.75 2.49
CA GLY A 106 9.02 8.34 2.38
C GLY A 106 10.17 7.39 2.14
N GLY A 107 11.36 7.93 1.86
CA GLY A 107 12.50 7.08 1.59
C GLY A 107 12.46 6.40 0.23
N GLN A 108 11.78 7.00 -0.74
CA GLN A 108 11.70 6.41 -2.07
C GLN A 108 13.08 6.39 -2.71
N SER A 109 13.55 5.18 -3.06
CA SER A 109 14.91 4.99 -3.54
CA SER A 109 14.91 5.00 -3.55
C SER A 109 15.03 5.02 -5.06
N VAL A 110 13.95 4.76 -5.79
CA VAL A 110 13.93 4.77 -7.24
C VAL A 110 12.65 5.46 -7.69
N TYR A 111 12.76 6.39 -8.62
CA TYR A 111 11.58 7.13 -9.09
CA TYR A 111 11.60 7.15 -9.12
C TYR A 111 10.87 6.39 -10.23
N HIS A 112 10.41 5.20 -9.86
CA HIS A 112 9.53 4.35 -10.65
C HIS A 112 8.70 3.64 -9.60
N VAL A 113 7.37 3.85 -9.61
CA VAL A 113 6.50 3.34 -8.56
CA VAL A 113 6.56 3.36 -8.51
C VAL A 113 6.76 1.86 -8.32
N HIS A 114 6.89 1.46 -7.06
CA HIS A 114 7.11 0.06 -6.72
C HIS A 114 6.39 -0.28 -5.42
N LEU A 115 5.73 -1.43 -5.42
CA LEU A 115 5.09 -1.99 -4.24
C LEU A 115 6.01 -3.06 -3.68
N ALA A 116 6.58 -2.79 -2.50
CA ALA A 116 7.45 -3.75 -1.84
C ALA A 116 6.61 -4.67 -0.96
N VAL A 117 7.00 -5.94 -0.93
CA VAL A 117 6.33 -6.94 -0.10
C VAL A 117 7.40 -7.64 0.73
N LEU A 118 7.26 -7.60 2.05
CA LEU A 118 8.25 -8.13 2.97
C LEU A 118 7.60 -9.12 3.91
N GLY A 119 8.22 -10.28 4.08
CA GLY A 119 7.71 -11.29 4.98
C GLY A 119 8.78 -12.28 5.38
N GLY A 120 8.35 -13.34 6.06
CA GLY A 120 9.27 -14.33 6.56
C GLY A 120 9.85 -14.03 7.93
N ARG A 121 9.49 -12.89 8.51
CA ARG A 121 9.86 -12.54 9.87
C ARG A 121 8.77 -11.63 10.42
N GLN A 122 8.81 -11.40 11.72
CA GLN A 122 7.88 -10.45 12.33
C GLN A 122 8.26 -9.04 11.87
N MET A 123 7.30 -8.34 11.27
CA MET A 123 7.48 -6.94 10.94
C MET A 123 7.05 -6.09 12.13
N HIS A 124 7.76 -5.01 12.37
CA HIS A 124 7.64 -4.25 13.61
C HIS A 124 6.92 -2.93 13.39
N TRP A 125 6.58 -2.29 14.50
CA TRP A 125 5.86 -1.03 14.49
C TRP A 125 6.60 -0.04 15.37
N PRO A 126 6.84 1.19 14.88
CA PRO A 126 6.39 1.78 13.62
C PRO A 126 7.09 1.20 12.38
N PRO A 127 6.47 1.37 11.19
CA PRO A 127 7.06 0.83 9.95
C PRO A 127 8.12 1.76 9.38
N GLY A 128 9.16 2.00 10.17
CA GLY A 128 10.18 2.98 9.83
C GLY A 128 9.89 4.31 10.48
N ARG B 14 -24.12 -6.64 7.92
CA ARG B 14 -24.19 -5.19 7.90
C ARG B 14 -23.15 -4.60 6.95
N PRO B 15 -23.48 -3.49 6.30
CA PRO B 15 -22.52 -2.81 5.42
C PRO B 15 -21.36 -2.26 6.24
N GLY B 16 -20.16 -2.78 5.98
CA GLY B 16 -18.96 -2.36 6.67
C GLY B 16 -18.31 -3.44 7.52
N GLY B 17 -19.07 -4.46 7.91
CA GLY B 17 -18.51 -5.53 8.72
C GLY B 17 -18.67 -5.30 10.20
N ASP B 18 -18.20 -6.28 10.97
CA ASP B 18 -18.38 -6.30 12.42
C ASP B 18 -17.26 -5.61 13.18
N THR B 19 -16.13 -5.33 12.53
CA THR B 19 -15.00 -4.75 13.24
C THR B 19 -15.27 -3.29 13.59
N ILE B 20 -14.36 -2.72 14.38
CA ILE B 20 -14.47 -1.31 14.74
C ILE B 20 -14.47 -0.42 13.50
N PHE B 21 -13.80 -0.86 12.43
CA PHE B 21 -13.82 -0.08 11.20
C PHE B 21 -15.20 -0.07 10.56
N GLY B 22 -15.93 -1.19 10.66
CA GLY B 22 -17.31 -1.20 10.19
C GLY B 22 -18.19 -0.26 10.98
N LYS B 23 -17.95 -0.16 12.29
CA LYS B 23 -18.72 0.77 13.11
C LYS B 23 -18.38 2.21 12.78
N ILE B 24 -17.11 2.48 12.45
CA ILE B 24 -16.72 3.81 12.00
C ILE B 24 -17.44 4.16 10.70
N ILE B 25 -17.51 3.20 9.77
CA ILE B 25 -18.18 3.42 8.49
C ILE B 25 -19.63 3.82 8.70
N ARG B 26 -20.31 3.15 9.63
CA ARG B 26 -21.73 3.40 9.87
C ARG B 26 -21.98 4.50 10.89
N LYS B 27 -20.95 5.29 11.22
CA LYS B 27 -21.08 6.42 12.15
C LYS B 27 -21.49 5.99 13.55
N GLU B 28 -21.23 4.73 13.92
CA GLU B 28 -21.60 4.25 15.24
C GLU B 28 -20.55 4.60 16.29
N ILE B 29 -19.29 4.71 15.88
CA ILE B 29 -18.25 5.21 16.77
CA ILE B 29 -18.19 5.16 16.74
C ILE B 29 -17.55 6.38 16.07
N PRO B 30 -17.23 7.44 16.81
CA PRO B 30 -16.69 8.64 16.16
CA PRO B 30 -16.69 8.64 16.16
C PRO B 30 -15.30 8.41 15.57
N ALA B 31 -14.99 9.18 14.54
CA ALA B 31 -13.69 9.18 13.91
C ALA B 31 -13.45 10.54 13.30
N LYS B 32 -12.18 10.85 13.04
CA LYS B 32 -11.76 12.12 12.45
CA LYS B 32 -11.78 12.12 12.45
C LYS B 32 -11.59 11.88 10.96
N ILE B 33 -12.65 12.16 10.20
CA ILE B 33 -12.74 11.78 8.80
CA ILE B 33 -12.75 11.78 8.80
C ILE B 33 -12.06 12.83 7.93
N ILE B 34 -11.29 12.35 6.96
CA ILE B 34 -10.60 13.19 6.00
C ILE B 34 -11.33 13.20 4.66
N PHE B 35 -11.81 12.04 4.21
CA PHE B 35 -12.46 11.91 2.91
C PHE B 35 -13.41 10.72 2.98
N GLU B 36 -14.50 10.82 2.23
CA GLU B 36 -15.49 9.74 2.19
C GLU B 36 -16.13 9.72 0.81
N ASP B 37 -16.23 8.54 0.22
CA ASP B 37 -17.05 8.35 -0.98
C ASP B 37 -17.82 7.03 -0.84
N ASP B 38 -18.41 6.57 -1.94
CA ASP B 38 -19.22 5.37 -1.91
C ASP B 38 -18.37 4.10 -1.72
N ARG B 39 -17.07 4.18 -1.99
CA ARG B 39 -16.22 2.99 -1.94
C ARG B 39 -15.27 2.94 -0.76
N CYS B 40 -14.95 4.07 -0.13
CA CYS B 40 -13.91 4.06 0.88
C CYS B 40 -14.07 5.22 1.84
N LEU B 41 -13.23 5.19 2.88
CA LEU B 41 -13.24 6.18 3.95
C LEU B 41 -11.80 6.38 4.41
N ALA B 42 -11.41 7.63 4.58
CA ALA B 42 -10.10 7.98 5.10
C ALA B 42 -10.28 8.73 6.42
N PHE B 43 -9.51 8.32 7.44
CA PHE B 43 -9.64 8.90 8.77
C PHE B 43 -8.32 8.78 9.51
N HIS B 44 -8.13 9.66 10.49
CA HIS B 44 -6.87 9.70 11.22
C HIS B 44 -6.74 8.53 12.20
N ASP B 45 -5.52 8.04 12.35
CA ASP B 45 -5.22 6.99 13.29
C ASP B 45 -5.17 7.56 14.71
N ILE B 46 -5.75 6.82 15.66
N ILE B 46 -5.75 6.82 15.66
CA ILE B 46 -5.75 7.26 17.05
CA ILE B 46 -5.75 7.28 17.05
C ILE B 46 -4.40 7.07 17.72
C ILE B 46 -4.42 7.03 17.76
N SER B 47 -3.54 6.22 17.17
CA SER B 47 -2.21 5.97 17.71
CA SER B 47 -2.20 5.97 17.70
C SER B 47 -1.19 6.32 16.62
N PRO B 48 -1.02 7.60 16.32
CA PRO B 48 -0.15 7.99 15.21
C PRO B 48 1.31 7.63 15.47
N GLN B 49 1.95 7.07 14.43
CA GLN B 49 3.37 6.76 14.45
C GLN B 49 4.19 7.78 13.68
N ALA B 50 3.54 8.83 13.17
CA ALA B 50 4.20 9.92 12.48
C ALA B 50 3.36 11.16 12.72
N PRO B 51 3.92 12.36 12.49
CA PRO B 51 3.13 13.59 12.70
C PRO B 51 1.79 13.59 11.97
N THR B 52 1.72 12.99 10.79
CA THR B 52 0.47 12.70 10.11
C THR B 52 0.40 11.21 9.86
N HIS B 53 -0.71 10.59 10.27
CA HIS B 53 -0.88 9.15 10.14
C HIS B 53 -2.36 8.88 10.01
N PHE B 54 -2.79 8.46 8.83
CA PHE B 54 -4.20 8.17 8.58
C PHE B 54 -4.36 6.83 7.89
N LEU B 55 -5.61 6.38 7.84
CA LEU B 55 -5.98 5.11 7.24
CA LEU B 55 -5.98 5.10 7.24
C LEU B 55 -6.99 5.34 6.13
N VAL B 56 -6.90 4.51 5.09
CA VAL B 56 -7.90 4.46 4.03
C VAL B 56 -8.44 3.04 4.00
N ILE B 57 -9.75 2.90 4.18
CA ILE B 57 -10.37 1.58 4.25
C ILE B 57 -11.47 1.45 3.21
N PRO B 58 -11.70 0.27 2.67
CA PRO B 58 -12.89 0.07 1.82
C PRO B 58 -14.14 0.01 2.67
N LYS B 59 -15.24 0.50 2.10
CA LYS B 59 -16.52 0.35 2.77
C LYS B 59 -17.02 -1.09 2.68
N LYS B 60 -16.69 -1.80 1.61
CA LYS B 60 -16.92 -3.23 1.55
C LYS B 60 -15.95 -3.94 2.49
N HIS B 61 -16.48 -4.82 3.33
CA HIS B 61 -15.63 -5.52 4.28
C HIS B 61 -14.78 -6.56 3.56
N ILE B 62 -13.46 -6.37 3.62
CA ILE B 62 -12.48 -7.38 3.24
C ILE B 62 -11.60 -7.58 4.46
N SER B 63 -11.50 -8.83 4.93
CA SER B 63 -10.82 -9.07 6.20
CA SER B 63 -10.81 -9.08 6.20
C SER B 63 -9.32 -8.77 6.11
N GLN B 64 -8.68 -9.17 5.02
CA GLN B 64 -7.25 -8.99 4.88
C GLN B 64 -6.90 -9.10 3.39
N ILE B 65 -5.76 -8.52 3.03
CA ILE B 65 -5.39 -8.44 1.62
C ILE B 65 -5.22 -9.83 1.02
N SER B 66 -4.83 -10.81 1.84
CA SER B 66 -4.60 -12.17 1.34
C SER B 66 -5.86 -12.85 0.84
N VAL B 67 -7.05 -12.35 1.21
CA VAL B 67 -8.30 -12.93 0.77
C VAL B 67 -9.04 -12.03 -0.22
N ALA B 68 -8.39 -10.97 -0.70
CA ALA B 68 -9.03 -10.09 -1.67
C ALA B 68 -9.28 -10.83 -2.97
N GLU B 69 -10.41 -10.50 -3.61
CA GLU B 69 -10.77 -11.14 -4.86
C GLU B 69 -10.10 -10.44 -6.04
N ASP B 70 -10.05 -11.15 -7.17
CA ASP B 70 -9.49 -10.57 -8.38
C ASP B 70 -10.26 -9.33 -8.81
N ASP B 71 -11.58 -9.34 -8.63
CA ASP B 71 -12.42 -8.20 -9.00
C ASP B 71 -12.34 -7.06 -8.00
N ASP B 72 -11.57 -7.19 -6.92
CA ASP B 72 -11.31 -6.10 -5.99
C ASP B 72 -10.18 -5.19 -6.47
N GLU B 73 -9.67 -5.40 -7.69
CA GLU B 73 -8.51 -4.64 -8.17
C GLU B 73 -8.78 -3.15 -8.17
N SER B 74 -9.90 -2.72 -8.77
CA SER B 74 -10.21 -1.30 -8.84
CA SER B 74 -10.22 -1.31 -8.85
CA SER B 74 -10.21 -1.30 -8.84
C SER B 74 -10.38 -0.71 -7.45
N LEU B 75 -11.02 -1.45 -6.55
CA LEU B 75 -11.23 -0.95 -5.19
C LEU B 75 -9.90 -0.75 -4.47
N LEU B 76 -9.02 -1.74 -4.57
CA LEU B 76 -7.71 -1.63 -3.92
C LEU B 76 -6.91 -0.47 -4.48
N GLY B 77 -6.90 -0.33 -5.81
CA GLY B 77 -6.24 0.81 -6.41
C GLY B 77 -6.85 2.13 -5.97
N HIS B 78 -8.17 2.15 -5.77
CA HIS B 78 -8.83 3.37 -5.32
C HIS B 78 -8.36 3.78 -3.93
N LEU B 79 -8.09 2.81 -3.06
CA LEU B 79 -7.52 3.13 -1.75
C LEU B 79 -6.20 3.87 -1.90
N MET B 80 -5.39 3.45 -2.88
CA MET B 80 -4.09 4.09 -3.07
CA MET B 80 -4.09 4.08 -3.08
C MET B 80 -4.25 5.48 -3.67
N ILE B 81 -5.16 5.64 -4.63
CA ILE B 81 -5.41 6.96 -5.22
C ILE B 81 -5.95 7.92 -4.17
N VAL B 82 -6.91 7.45 -3.36
CA VAL B 82 -7.44 8.29 -2.29
C VAL B 82 -6.35 8.61 -1.28
N GLY B 83 -5.49 7.64 -0.97
CA GLY B 83 -4.40 7.89 -0.04
C GLY B 83 -3.46 8.99 -0.52
N LYS B 84 -3.08 8.96 -1.80
CA LYS B 84 -2.18 9.98 -2.30
C LYS B 84 -2.87 11.34 -2.41
N LYS B 85 -4.16 11.35 -2.75
CA LYS B 85 -4.88 12.62 -2.81
CA LYS B 85 -4.90 12.61 -2.81
C LYS B 85 -5.05 13.23 -1.43
N CYS B 86 -5.38 12.41 -0.42
CA CYS B 86 -5.48 12.91 0.94
C CYS B 86 -4.14 13.42 1.44
N ALA B 87 -3.05 12.72 1.12
CA ALA B 87 -1.73 13.17 1.54
C ALA B 87 -1.40 14.53 0.96
N ALA B 88 -1.76 14.78 -0.30
CA ALA B 88 -1.55 16.08 -0.89
C ALA B 88 -2.42 17.14 -0.22
N ASP B 89 -3.69 16.81 0.05
CA ASP B 89 -4.57 17.75 0.71
C ASP B 89 -4.11 18.08 2.12
N LEU B 90 -3.42 17.14 2.77
CA LEU B 90 -2.88 17.34 4.10
C LEU B 90 -1.48 17.95 4.09
N GLY B 91 -0.98 18.33 2.93
CA GLY B 91 0.27 19.05 2.85
C GLY B 91 1.52 18.23 3.04
N LEU B 92 1.46 16.93 2.75
CA LEU B 92 2.63 16.05 2.87
C LEU B 92 3.50 16.14 1.61
N ASN B 93 3.97 17.37 1.35
CA ASN B 93 4.70 17.65 0.12
C ASN B 93 6.10 17.05 0.10
N LYS B 94 6.66 16.75 1.27
CA LYS B 94 8.00 16.15 1.33
C LYS B 94 7.96 14.64 1.15
N GLY B 95 6.80 14.01 1.21
CA GLY B 95 6.67 12.60 0.97
C GLY B 95 5.95 11.90 2.10
N TYR B 96 5.81 10.59 1.95
CA TYR B 96 5.06 9.77 2.89
C TYR B 96 5.29 8.30 2.55
N ARG B 97 4.81 7.42 3.42
CA ARG B 97 4.90 5.98 3.23
C ARG B 97 3.51 5.39 3.37
N MET B 98 3.15 4.54 2.41
CA MET B 98 1.90 3.77 2.45
C MET B 98 2.22 2.35 2.89
N VAL B 99 1.40 1.82 3.79
CA VAL B 99 1.66 0.51 4.41
C VAL B 99 0.36 -0.29 4.46
N VAL B 100 0.40 -1.53 3.98
CA VAL B 100 -0.68 -2.48 4.16
C VAL B 100 -0.13 -3.66 4.97
N ASN B 101 -0.69 -3.85 6.17
CA ASN B 101 -0.28 -4.94 7.04
C ASN B 101 -1.18 -6.14 6.80
N GLU B 102 -0.56 -7.33 6.65
CA GLU B 102 -1.30 -8.57 6.45
C GLU B 102 -0.91 -9.56 7.54
N GLY B 103 -1.91 -10.01 8.31
CA GLY B 103 -1.70 -11.12 9.22
C GLY B 103 -0.82 -10.80 10.41
N SER B 104 -0.41 -11.88 11.08
CA SER B 104 0.38 -11.75 12.31
CA SER B 104 0.38 -11.75 12.31
C SER B 104 1.77 -11.18 12.03
N ASP B 105 2.47 -11.75 11.05
CA ASP B 105 3.82 -11.25 10.74
C ASP B 105 3.77 -9.83 10.20
N GLY B 106 2.68 -9.44 9.56
CA GLY B 106 2.55 -8.08 9.06
C GLY B 106 2.18 -7.05 10.10
N GLY B 107 1.78 -7.49 11.29
CA GLY B 107 1.37 -6.56 12.33
C GLY B 107 -0.08 -6.12 12.24
N GLN B 108 -0.90 -6.85 11.50
CA GLN B 108 -2.32 -6.54 11.40
C GLN B 108 -3.05 -7.01 12.67
N SER B 109 -3.92 -6.14 13.20
CA SER B 109 -4.70 -6.43 14.39
C SER B 109 -6.19 -6.39 14.06
N VAL B 110 -6.60 -5.36 13.32
CA VAL B 110 -8.00 -5.20 12.93
C VAL B 110 -8.14 -5.88 11.57
N TYR B 111 -8.98 -6.88 11.54
CA TYR B 111 -9.14 -7.66 10.31
C TYR B 111 -10.22 -7.07 9.40
N HIS B 112 -9.91 -5.85 8.97
CA HIS B 112 -10.60 -5.13 7.91
C HIS B 112 -9.49 -4.40 7.17
N VAL B 113 -9.30 -4.69 5.90
N VAL B 113 -9.30 -4.69 5.90
CA VAL B 113 -8.18 -4.14 5.13
CA VAL B 113 -8.16 -4.14 5.16
C VAL B 113 -8.06 -2.66 5.32
C VAL B 113 -8.05 -2.65 5.32
N HIS B 114 -6.82 -2.20 5.52
N HIS B 114 -6.82 -2.19 5.53
CA HIS B 114 -6.56 -0.77 5.66
CA HIS B 114 -6.57 -0.78 5.62
C HIS B 114 -5.20 -0.43 5.08
C HIS B 114 -5.21 -0.43 5.07
N LEU B 115 -5.18 0.71 4.37
CA LEU B 115 -3.95 1.28 3.86
CA LEU B 115 -3.95 1.36 3.80
C LEU B 115 -3.58 2.46 4.74
N ALA B 116 -2.44 2.37 5.42
CA ALA B 116 -1.98 3.44 6.28
C ALA B 116 -1.07 4.37 5.50
N VAL B 117 -1.17 5.67 5.77
CA VAL B 117 -0.32 6.68 5.17
C VAL B 117 0.34 7.46 6.31
N LEU B 118 1.67 7.48 6.31
CA LEU B 118 2.46 8.11 7.36
C LEU B 118 3.37 9.15 6.74
N GLY B 119 3.40 10.34 7.31
CA GLY B 119 4.27 11.38 6.83
C GLY B 119 4.49 12.46 7.87
N GLY B 120 5.16 13.53 7.44
CA GLY B 120 5.49 14.61 8.34
C GLY B 120 6.80 14.45 9.07
N ARG B 121 7.54 13.38 8.80
CA ARG B 121 8.88 13.17 9.32
C ARG B 121 9.62 12.26 8.36
N GLN B 122 10.94 12.17 8.54
CA GLN B 122 11.72 11.23 7.76
C GLN B 122 11.37 9.81 8.18
N MET B 123 10.94 9.00 7.22
CA MET B 123 10.72 7.59 7.47
C MET B 123 12.02 6.82 7.22
N HIS B 124 12.23 5.77 8.00
CA HIS B 124 13.48 5.05 8.02
C HIS B 124 13.34 3.70 7.32
N TRP B 125 14.50 3.11 7.03
CA TRP B 125 14.57 1.79 6.41
C TRP B 125 15.32 0.87 7.38
N PRO B 126 14.87 -0.38 7.55
CA PRO B 126 13.72 -1.05 6.91
C PRO B 126 12.39 -0.54 7.45
N PRO B 127 11.27 -0.81 6.73
CA PRO B 127 9.95 -0.34 7.17
C PRO B 127 9.35 -1.25 8.24
N GLY B 128 10.05 -1.35 9.36
CA GLY B 128 9.69 -2.30 10.40
C GLY B 128 10.42 -3.62 10.23
C1 TAU C . -9.75 -5.24 17.52
C2 TAU C . -10.92 -4.46 16.94
N1 TAU C . -9.10 -4.40 18.52
S TAU C . -12.18 -5.50 16.17
O1 TAU C . -12.39 -6.70 16.98
O2 TAU C . -11.72 -5.87 14.84
O3 TAU C . -13.43 -4.74 16.07
PA B4P D . -3.34 -5.46 21.20
O1A B4P D . -2.18 -4.92 22.03
O2A B4P D . -4.66 -4.78 21.65
O3A B4P D . -3.06 -5.13 19.56
PB B4P D . -2.91 -3.61 18.96
O1B B4P D . -2.66 -2.66 20.08
O2B B4P D . -1.77 -3.57 17.99
O3B B4P D . -4.35 -3.19 18.16
PG B4P D . -4.43 -2.07 16.89
O1G B4P D . -5.46 -1.03 17.22
O2G B4P D . -3.09 -1.43 16.72
O3G B4P D . -4.86 -2.85 15.50
PD B4P D . -4.13 -2.61 14.02
O1D B4P D . -2.67 -2.20 14.23
O2D B4P D . -4.18 -3.88 13.19
O5E B4P D . -3.47 -7.13 21.42
C5E B4P D . -2.49 -7.94 20.91
C4E B4P D . -3.12 -9.02 20.01
O4E B4P D . -3.75 -9.91 20.77
C3E B4P D . -4.16 -8.40 19.09
O3E B4P D . -3.95 -8.79 17.82
C2E B4P D . -5.53 -8.95 19.60
O2E B4P D . -6.45 -9.17 18.46
C1E B4P D . -5.26 -10.07 20.18
N9A B4P D . -6.17 -10.32 21.28
C8A B4P D . -7.05 -9.45 21.81
N7A B4P D . -7.70 -10.07 22.80
C5A B4P D . -7.23 -11.33 22.89
C6A B4P D . -7.54 -12.37 23.72
N6A B4P D . -8.51 -12.45 24.81
N1A B4P D . -6.91 -13.53 23.59
C2A B4P D . -5.96 -13.69 22.66
N3A B4P D . -5.65 -12.65 21.82
C4A B4P D . -6.28 -11.48 21.95
O5F B4P D . -4.94 -1.40 13.22
C5F B4P D . -4.22 -0.56 12.35
C4F B4P D . -4.35 0.92 12.83
O4F B4P D . -5.61 1.18 13.11
C3F B4P D . -3.56 1.14 14.12
O3F B4P D . -2.57 2.02 13.91
C2F B4P D . -4.61 1.71 15.14
O2F B4P D . -3.99 2.79 15.98
C1F B4P D . -5.54 2.19 14.39
N9B B4P D . -6.81 2.22 15.07
C8B B4P D . -7.27 1.28 15.91
N7B B4P D . -8.48 1.67 16.33
C5B B4P D . -8.77 2.85 15.77
C6B B4P D . -9.87 3.69 15.88
N6B B4P D . -11.19 3.68 16.62
N1B B4P D . -9.89 4.83 15.19
C2B B4P D . -8.84 5.18 14.39
N3B B4P D . -7.76 4.35 14.30
C4B B4P D . -7.73 3.20 14.99
#